data_7HGN
#
_entry.id   7HGN
#
_cell.length_a   41.310
_cell.length_b   41.920
_cell.length_c   158.030
_cell.angle_alpha   90.00
_cell.angle_beta   90.00
_cell.angle_gamma   90.00
#
_symmetry.space_group_name_H-M   'P 21 21 21'
#
loop_
_entity.id
_entity.type
_entity.pdbx_description
1 polymer 'Hepatoma-derived growth factor-related protein 2'
2 non-polymer 'SULFATE ION'
3 non-polymer 1,2-ETHANEDIOL
4 non-polymer (2,6-difluorophenyl)(pyrrolidin-1-yl)methanone
5 water water
#
_entity_poly.entity_id   1
_entity_poly.type   'polypeptide(L)'
_entity_poly.pdbx_seq_one_letter_code
;GMPHAFKPGDLVFAKMKGYPHWPARIDDIADGAVKPPPNKYPIFFFGTHETAFLGPKDLFPYDKSKDKYGKPNKRKGFNE
GLWEIQNNPHASYS
;
_entity_poly.pdbx_strand_id   A,B,C
#
loop_
_chem_comp.id
_chem_comp.type
_chem_comp.name
_chem_comp.formula
EDO non-polymer 1,2-ETHANEDIOL 'C2 H6 O2'
NX7 non-polymer (2,6-difluorophenyl)(pyrrolidin-1-yl)methanone 'C11 H11 F2 N O'
SO4 non-polymer 'SULFATE ION' 'O4 S -2'
#
# COMPACT_ATOMS: atom_id res chain seq x y z
N MET A 2 -8.23 13.28 -23.57
CA MET A 2 -6.77 13.08 -23.84
C MET A 2 -6.00 12.82 -22.54
N PRO A 3 -4.94 11.99 -22.60
CA PRO A 3 -4.14 11.64 -21.42
C PRO A 3 -3.43 12.82 -20.76
N HIS A 4 -3.30 12.74 -19.45
CA HIS A 4 -2.50 13.68 -18.71
C HIS A 4 -1.21 12.95 -18.41
N ALA A 5 -0.28 13.63 -17.73
CA ALA A 5 0.88 12.99 -17.15
C ALA A 5 0.42 12.03 -16.05
N PHE A 6 1.27 11.05 -15.75
CA PHE A 6 1.03 10.18 -14.62
C PHE A 6 1.01 10.97 -13.30
N LYS A 7 0.15 10.49 -12.38
CA LYS A 7 0.05 11.13 -11.07
C LYS A 7 -0.13 10.03 -10.01
N PRO A 8 0.22 10.30 -8.74
CA PRO A 8 0.03 9.30 -7.68
C PRO A 8 -1.43 8.82 -7.67
N GLY A 9 -1.62 7.50 -7.49
CA GLY A 9 -2.94 6.89 -7.47
C GLY A 9 -3.28 6.25 -8.82
N ASP A 10 -2.57 6.65 -9.89
CA ASP A 10 -2.88 5.98 -11.15
C ASP A 10 -2.51 4.49 -11.12
N LEU A 11 -3.34 3.64 -11.78
CA LEU A 11 -3.13 2.20 -11.77
C LEU A 11 -2.56 1.79 -13.13
N VAL A 12 -1.59 0.87 -13.07
CA VAL A 12 -0.86 0.50 -14.28
C VAL A 12 -0.51 -0.97 -14.25
N PHE A 13 -0.09 -1.48 -15.42
CA PHE A 13 0.82 -2.61 -15.39
C PHE A 13 2.23 -2.05 -15.68
N ALA A 14 3.20 -2.47 -14.86
CA ALA A 14 4.53 -1.89 -14.89
C ALA A 14 5.47 -3.00 -15.37
N LYS A 15 6.37 -2.63 -16.30
CA LYS A 15 7.25 -3.64 -16.87
C LYS A 15 8.67 -3.46 -16.36
N MET A 16 9.23 -4.57 -15.83
CA MET A 16 10.64 -4.70 -15.49
C MET A 16 11.23 -5.86 -16.31
N LYS A 17 12.49 -5.67 -16.69
CA LYS A 17 13.30 -6.67 -17.37
C LYS A 17 13.12 -8.00 -16.65
N GLY A 18 12.73 -9.01 -17.43
CA GLY A 18 12.71 -10.35 -16.88
C GLY A 18 11.44 -10.68 -16.10
N TYR A 19 10.48 -9.74 -16.02
CA TYR A 19 9.23 -10.05 -15.35
C TYR A 19 8.07 -9.74 -16.28
N PRO A 20 6.91 -10.43 -16.11
CA PRO A 20 5.70 -10.12 -16.86
C PRO A 20 5.22 -8.73 -16.45
N HIS A 21 4.44 -8.08 -17.32
CA HIS A 21 3.80 -6.81 -17.01
C HIS A 21 2.99 -7.00 -15.73
N TRP A 22 3.25 -6.12 -14.72
CA TRP A 22 2.90 -6.47 -13.34
C TRP A 22 1.89 -5.44 -12.80
N PRO A 23 0.77 -5.86 -12.16
CA PRO A 23 -0.21 -4.90 -11.61
C PRO A 23 0.46 -3.99 -10.58
N ALA A 24 0.25 -2.68 -10.72
CA ALA A 24 1.02 -1.75 -9.91
C ALA A 24 0.29 -0.40 -9.81
N ARG A 25 0.78 0.48 -8.91
CA ARG A 25 0.24 1.83 -8.83
C ARG A 25 1.38 2.85 -8.78
N ILE A 26 1.09 4.07 -9.21
CA ILE A 26 2.03 5.14 -8.91
C ILE A 26 1.79 5.56 -7.45
N ASP A 27 2.85 5.47 -6.65
CA ASP A 27 2.74 5.82 -5.24
C ASP A 27 2.96 7.31 -5.02
N ASP A 28 2.43 7.78 -3.87
CA ASP A 28 2.85 9.04 -3.30
C ASP A 28 4.22 8.84 -2.66
N ILE A 29 4.89 9.95 -2.36
CA ILE A 29 6.11 9.90 -1.58
C ILE A 29 5.72 10.52 -0.24
N ALA A 30 5.92 9.78 0.86
CA ALA A 30 5.56 10.34 2.17
C ALA A 30 6.54 11.46 2.53
N ASP A 31 6.02 12.42 3.28
CA ASP A 31 6.92 13.37 3.92
C ASP A 31 8.10 12.62 4.52
N GLY A 32 9.30 13.15 4.26
CA GLY A 32 10.50 12.65 4.88
C GLY A 32 11.05 11.39 4.20
N ALA A 33 10.29 10.84 3.24
CA ALA A 33 10.68 9.64 2.51
C ALA A 33 11.64 9.93 1.35
N VAL A 34 12.35 8.88 0.93
CA VAL A 34 13.28 8.96 -0.20
C VAL A 34 12.51 9.21 -1.51
N LYS A 35 12.91 10.26 -2.23
CA LYS A 35 12.33 10.63 -3.52
C LYS A 35 12.97 9.79 -4.63
N PRO A 36 12.25 9.61 -5.74
CA PRO A 36 12.79 8.91 -6.91
C PRO A 36 13.78 9.82 -7.60
N PRO A 37 14.62 9.25 -8.49
CA PRO A 37 15.41 10.08 -9.42
C PRO A 37 14.55 10.93 -10.33
N PRO A 38 15.12 12.00 -10.96
CA PRO A 38 14.42 12.74 -12.01
C PRO A 38 13.89 11.85 -13.13
N ASN A 39 12.72 12.25 -13.63
CA ASN A 39 11.95 11.59 -14.67
C ASN A 39 11.48 10.18 -14.28
N LYS A 40 11.61 9.79 -12.98
CA LYS A 40 11.14 8.47 -12.53
C LYS A 40 10.03 8.62 -11.48
N TYR A 41 9.13 7.62 -11.47
CA TYR A 41 7.99 7.61 -10.54
C TYR A 41 8.20 6.46 -9.58
N PRO A 42 7.69 6.56 -8.32
CA PRO A 42 7.78 5.43 -7.40
C PRO A 42 6.66 4.45 -7.74
N ILE A 43 7.03 3.23 -8.14
CA ILE A 43 5.97 2.28 -8.53
C ILE A 43 5.83 1.28 -7.41
N PHE A 44 4.58 1.13 -6.88
CA PHE A 44 4.30 0.08 -5.91
C PHE A 44 3.67 -1.13 -6.61
N PHE A 45 4.37 -2.28 -6.52
CA PHE A 45 3.92 -3.49 -7.23
C PHE A 45 2.94 -4.20 -6.30
N PHE A 46 1.73 -4.44 -6.78
CA PHE A 46 0.78 -5.17 -5.95
C PHE A 46 1.24 -6.63 -5.80
N GLY A 47 0.79 -7.28 -4.72
CA GLY A 47 1.14 -8.68 -4.54
C GLY A 47 2.50 -8.85 -3.85
N THR A 48 3.59 -8.43 -4.51
CA THR A 48 4.91 -8.43 -3.88
C THR A 48 5.06 -7.31 -2.86
N HIS A 49 4.34 -6.20 -3.07
CA HIS A 49 4.42 -5.00 -2.26
C HIS A 49 5.83 -4.39 -2.29
N GLU A 50 6.57 -4.61 -3.39
CA GLU A 50 7.88 -4.00 -3.60
C GLU A 50 7.74 -2.65 -4.31
N THR A 51 8.71 -1.75 -4.15
CA THR A 51 8.75 -0.49 -4.87
C THR A 51 9.96 -0.47 -5.79
N ALA A 52 9.78 0.01 -7.02
CA ALA A 52 10.90 0.38 -7.89
C ALA A 52 10.62 1.72 -8.55
N PHE A 53 11.68 2.30 -9.16
CA PHE A 53 11.53 3.58 -9.79
C PHE A 53 11.54 3.36 -11.28
N LEU A 54 10.45 3.81 -11.92
CA LEU A 54 10.33 3.55 -13.34
C LEU A 54 9.89 4.81 -14.09
N GLY A 55 10.27 4.85 -15.38
CA GLY A 55 9.76 5.91 -16.24
C GLY A 55 8.56 5.45 -17.08
N PRO A 56 7.87 6.40 -17.71
CA PRO A 56 6.63 6.17 -18.46
C PRO A 56 6.74 5.09 -19.53
N LYS A 57 7.95 4.92 -20.09
CA LYS A 57 8.07 3.87 -21.08
C LYS A 57 7.76 2.44 -20.59
N ASP A 58 7.74 2.23 -19.23
CA ASP A 58 7.48 0.93 -18.68
C ASP A 58 6.14 0.94 -17.95
N LEU A 59 5.28 1.95 -18.19
CA LEU A 59 4.02 2.10 -17.43
C LEU A 59 2.85 2.05 -18.42
N PHE A 60 2.04 1.01 -18.29
CA PHE A 60 0.88 0.80 -19.16
C PHE A 60 -0.43 1.01 -18.41
N PRO A 61 -1.20 2.06 -18.70
CA PRO A 61 -2.43 2.33 -17.95
C PRO A 61 -3.33 1.11 -17.84
N TYR A 62 -3.86 0.87 -16.62
CA TYR A 62 -4.52 -0.37 -16.26
C TYR A 62 -5.79 -0.60 -17.09
N ASP A 63 -6.62 0.43 -17.25
CA ASP A 63 -7.91 0.24 -17.96
C ASP A 63 -7.69 -0.21 -19.41
N LYS A 64 -6.76 0.45 -20.12
CA LYS A 64 -6.45 0.06 -21.49
C LYS A 64 -5.80 -1.31 -21.60
N SER A 65 -4.98 -1.69 -20.60
CA SER A 65 -4.09 -2.85 -20.69
C SER A 65 -4.60 -4.14 -20.04
N LYS A 66 -5.71 -4.08 -19.28
CA LYS A 66 -6.03 -5.21 -18.42
C LYS A 66 -6.49 -6.44 -19.19
N ASP A 67 -7.11 -6.25 -20.37
N ASP A 67 -7.15 -6.25 -20.33
CA ASP A 67 -7.57 -7.38 -21.16
CA ASP A 67 -7.54 -7.41 -21.12
C ASP A 67 -6.37 -8.17 -21.70
C ASP A 67 -6.29 -8.24 -21.44
N LYS A 68 -5.21 -7.54 -21.81
CA LYS A 68 -4.01 -8.20 -22.28
C LYS A 68 -3.20 -8.78 -21.13
N TYR A 69 -3.06 -8.02 -20.04
CA TYR A 69 -2.02 -8.38 -19.08
C TYR A 69 -2.62 -8.88 -17.77
N GLY A 70 -3.94 -8.76 -17.61
CA GLY A 70 -4.62 -9.06 -16.35
C GLY A 70 -5.11 -10.51 -16.35
N LYS A 71 -4.17 -11.43 -16.33
CA LYS A 71 -4.43 -12.86 -16.46
C LYS A 71 -3.50 -13.54 -15.49
N PRO A 72 -3.90 -14.67 -14.84
CA PRO A 72 -3.04 -15.30 -13.84
C PRO A 72 -1.65 -15.67 -14.33
N ASN A 73 -0.67 -15.60 -13.43
CA ASN A 73 0.72 -15.87 -13.72
C ASN A 73 1.33 -16.67 -12.57
N LYS A 74 2.29 -17.53 -12.91
CA LYS A 74 2.89 -18.45 -11.96
C LYS A 74 3.75 -17.71 -10.94
N ARG A 75 4.23 -16.52 -11.32
CA ARG A 75 5.24 -15.80 -10.54
C ARG A 75 4.69 -15.43 -9.15
N LYS A 76 5.57 -15.52 -8.16
CA LYS A 76 5.22 -15.29 -6.76
C LYS A 76 4.56 -13.92 -6.60
N GLY A 77 3.36 -13.89 -6.02
CA GLY A 77 2.77 -12.59 -5.71
C GLY A 77 1.88 -12.05 -6.83
N PHE A 78 2.01 -12.58 -8.05
CA PHE A 78 1.26 -12.02 -9.16
C PHE A 78 -0.26 -12.05 -8.95
N ASN A 79 -0.81 -13.20 -8.56
CA ASN A 79 -2.25 -13.35 -8.58
C ASN A 79 -2.85 -12.60 -7.38
N GLU A 80 -2.09 -12.56 -6.28
CA GLU A 80 -2.46 -11.67 -5.19
C GLU A 80 -2.51 -10.23 -5.70
N GLY A 81 -1.52 -9.89 -6.53
CA GLY A 81 -1.48 -8.55 -7.10
C GLY A 81 -2.70 -8.25 -7.99
N LEU A 82 -3.16 -9.25 -8.78
CA LEU A 82 -4.35 -9.00 -9.58
C LEU A 82 -5.57 -8.73 -8.68
N TRP A 83 -5.66 -9.43 -7.54
CA TRP A 83 -6.78 -9.20 -6.66
C TRP A 83 -6.74 -7.78 -6.13
N GLU A 84 -5.55 -7.34 -5.75
CA GLU A 84 -5.40 -6.04 -5.10
C GLU A 84 -5.77 -4.92 -6.07
N ILE A 85 -5.28 -4.99 -7.30
CA ILE A 85 -5.50 -3.88 -8.20
C ILE A 85 -6.99 -3.79 -8.57
N GLN A 86 -7.68 -4.96 -8.63
CA GLN A 86 -9.10 -4.96 -8.99
C GLN A 86 -9.98 -4.56 -7.81
N ASN A 87 -9.60 -5.00 -6.60
CA ASN A 87 -10.50 -4.99 -5.45
C ASN A 87 -10.18 -3.92 -4.40
N ASN A 88 -8.91 -3.51 -4.24
CA ASN A 88 -8.64 -2.45 -3.27
C ASN A 88 -7.29 -1.81 -3.62
N PRO A 89 -7.25 -1.15 -4.79
CA PRO A 89 -5.97 -0.67 -5.33
C PRO A 89 -5.43 0.55 -4.60
N HIS A 90 -6.23 1.20 -3.70
CA HIS A 90 -5.71 2.42 -3.06
C HIS A 90 -5.56 2.23 -1.55
N ALA A 91 -5.54 0.96 -1.12
CA ALA A 91 -5.40 0.67 0.31
C ALA A 91 -3.95 0.80 0.78
N SER A 92 -3.78 0.89 2.09
CA SER A 92 -2.47 0.76 2.72
C SER A 92 -2.08 -0.72 2.78
N TYR A 93 -0.93 -1.05 2.17
CA TYR A 93 -0.40 -2.40 2.17
C TYR A 93 0.90 -2.41 2.98
N SER A 94 1.12 -1.34 3.73
CA SER A 94 2.18 -1.25 4.73
C SER A 94 2.07 -2.45 5.69
N MET B 2 6.97 28.73 33.06
CA MET B 2 8.38 28.77 33.52
C MET B 2 9.30 28.61 32.30
N PRO B 3 10.40 29.40 32.20
CA PRO B 3 11.40 29.18 31.15
C PRO B 3 11.89 27.74 31.25
N HIS B 4 12.17 27.13 30.08
CA HIS B 4 12.75 25.80 30.00
C HIS B 4 14.08 25.88 29.26
N ALA B 5 14.84 24.77 29.22
CA ALA B 5 16.12 24.78 28.56
C ALA B 5 15.93 25.26 27.13
N PHE B 6 14.95 24.63 26.46
CA PHE B 6 14.51 25.07 25.15
C PHE B 6 13.24 25.92 25.29
N LYS B 7 13.17 26.99 24.51
CA LYS B 7 12.03 27.89 24.55
C LYS B 7 11.44 28.08 23.14
N PRO B 8 10.16 28.45 23.03
CA PRO B 8 9.52 28.58 21.72
C PRO B 8 10.30 29.53 20.82
N GLY B 9 10.50 29.07 19.57
CA GLY B 9 11.26 29.77 18.56
C GLY B 9 12.70 29.29 18.45
N ASP B 10 13.15 28.46 19.42
CA ASP B 10 14.50 27.91 19.36
C ASP B 10 14.62 27.00 18.13
N LEU B 11 15.72 27.15 17.41
CA LEU B 11 15.86 26.40 16.16
C LEU B 11 16.71 25.17 16.48
N VAL B 12 16.39 24.04 15.82
CA VAL B 12 17.12 22.81 16.16
C VAL B 12 17.19 21.96 14.90
N PHE B 13 18.01 20.91 14.97
CA PHE B 13 17.72 19.71 14.18
C PHE B 13 17.10 18.72 15.14
N ALA B 14 16.05 18.02 14.67
CA ALA B 14 15.35 17.10 15.54
C ALA B 14 15.35 15.70 14.93
N LYS B 15 15.62 14.69 15.77
CA LYS B 15 15.85 13.33 15.27
C LYS B 15 14.69 12.42 15.60
N MET B 16 14.17 11.75 14.57
CA MET B 16 13.18 10.69 14.78
C MET B 16 13.69 9.41 14.11
N LYS B 17 13.33 8.26 14.68
CA LYS B 17 13.71 6.99 14.07
C LYS B 17 13.24 6.95 12.62
N GLY B 18 14.16 6.59 11.73
CA GLY B 18 13.84 6.41 10.32
C GLY B 18 14.17 7.63 9.47
N TYR B 19 14.61 8.74 10.10
CA TYR B 19 14.77 9.96 9.33
C TYR B 19 16.11 10.57 9.73
N PRO B 20 16.75 11.34 8.84
CA PRO B 20 17.94 12.11 9.22
C PRO B 20 17.54 13.25 10.17
N HIS B 21 18.55 13.74 10.92
CA HIS B 21 18.36 14.92 11.77
C HIS B 21 17.74 16.05 10.93
N TRP B 22 16.66 16.64 11.43
CA TRP B 22 15.77 17.35 10.51
C TRP B 22 15.62 18.80 10.96
N PRO B 23 15.76 19.83 10.08
CA PRO B 23 15.61 21.23 10.54
C PRO B 23 14.23 21.43 11.15
N ALA B 24 14.17 22.06 12.33
CA ALA B 24 12.90 22.14 13.04
C ALA B 24 12.94 23.30 14.03
N ARG B 25 11.79 23.57 14.65
CA ARG B 25 11.70 24.59 15.68
C ARG B 25 10.87 24.06 16.84
N ILE B 26 11.11 24.65 18.02
CA ILE B 26 10.26 24.47 19.19
C ILE B 26 9.08 25.42 18.99
N ASP B 27 7.89 24.87 19.08
CA ASP B 27 6.67 25.66 19.01
C ASP B 27 6.14 25.89 20.43
N ASP B 28 5.19 26.82 20.57
N ASP B 28 5.20 26.83 20.56
CA ASP B 28 4.53 27.12 21.83
CA ASP B 28 4.52 27.13 21.81
C ASP B 28 3.27 26.27 21.91
C ASP B 28 3.29 26.24 21.91
N ILE B 29 2.84 25.95 23.14
CA ILE B 29 1.68 25.09 23.36
C ILE B 29 0.42 25.82 22.86
N ALA B 30 -0.44 25.05 22.19
CA ALA B 30 -1.64 25.56 21.54
C ALA B 30 -2.81 24.62 21.84
N VAL B 34 -3.47 18.88 22.26
CA VAL B 34 -3.17 18.33 23.62
C VAL B 34 -2.16 19.26 24.29
N LYS B 35 -1.39 18.73 25.26
CA LYS B 35 -0.13 19.32 25.71
C LYS B 35 0.98 18.29 25.51
N PRO B 36 2.28 18.69 25.38
CA PRO B 36 3.36 17.71 25.28
C PRO B 36 3.34 16.84 26.53
N PRO B 37 3.64 15.52 26.40
CA PRO B 37 3.89 14.70 27.59
C PRO B 37 5.01 15.38 28.39
N PRO B 38 5.21 15.03 29.68
CA PRO B 38 6.29 15.60 30.48
C PRO B 38 7.68 15.34 29.89
N ASN B 39 8.54 16.37 29.96
CA ASN B 39 9.92 16.30 29.47
C ASN B 39 10.01 16.52 27.95
N LYS B 40 8.89 16.69 27.25
CA LYS B 40 8.93 16.78 25.79
C LYS B 40 8.44 18.15 25.30
N TYR B 41 8.80 18.48 24.06
CA TYR B 41 8.44 19.77 23.51
C TYR B 41 7.64 19.54 22.25
N PRO B 42 6.75 20.48 21.86
CA PRO B 42 6.13 20.44 20.54
C PRO B 42 7.19 20.84 19.52
N ILE B 43 7.45 19.95 18.54
CA ILE B 43 8.37 20.25 17.46
C ILE B 43 7.61 20.50 16.15
N PHE B 44 8.03 21.51 15.42
CA PHE B 44 7.55 21.78 14.08
C PHE B 44 8.68 21.49 13.10
N PHE B 45 8.44 20.55 12.16
CA PHE B 45 9.47 20.24 11.20
C PHE B 45 9.34 21.09 9.96
N PHE B 46 10.44 21.78 9.63
CA PHE B 46 10.44 22.62 8.45
C PHE B 46 10.34 21.73 7.19
N GLY B 47 9.88 22.34 6.09
CA GLY B 47 9.75 21.65 4.80
C GLY B 47 8.48 20.80 4.76
N THR B 48 8.39 19.78 5.63
CA THR B 48 7.25 18.90 5.67
C THR B 48 6.07 19.59 6.36
N HIS B 49 6.42 20.48 7.30
CA HIS B 49 5.44 21.18 8.14
C HIS B 49 4.66 20.25 9.06
N GLU B 50 5.19 19.06 9.38
CA GLU B 50 4.57 18.15 10.32
C GLU B 50 5.04 18.48 11.74
N THR B 51 4.39 17.88 12.73
CA THR B 51 4.66 18.11 14.14
C THR B 51 4.78 16.78 14.86
N ALA B 52 5.55 16.78 15.94
CA ALA B 52 5.64 15.64 16.84
C ALA B 52 6.11 16.17 18.18
N PHE B 53 6.06 15.32 19.21
CA PHE B 53 6.61 15.66 20.51
C PHE B 53 7.94 14.90 20.70
N LEU B 54 9.01 15.63 21.02
CA LEU B 54 10.31 15.01 21.21
C LEU B 54 10.95 15.56 22.49
N GLY B 55 11.86 14.74 23.04
CA GLY B 55 12.58 15.08 24.25
C GLY B 55 13.98 15.59 23.90
N PRO B 56 14.69 16.25 24.84
CA PRO B 56 15.99 16.81 24.51
C PRO B 56 17.06 15.91 23.89
N LYS B 57 17.01 14.59 24.16
CA LYS B 57 18.06 13.70 23.65
C LYS B 57 18.03 13.72 22.12
N ASP B 58 16.87 14.13 21.58
CA ASP B 58 16.67 14.13 20.13
C ASP B 58 16.69 15.54 19.55
N LEU B 59 17.14 16.52 20.35
CA LEU B 59 17.06 17.92 19.91
C LEU B 59 18.44 18.55 19.96
N PHE B 60 18.89 18.99 18.80
CA PHE B 60 20.24 19.46 18.62
C PHE B 60 20.19 20.95 18.26
N PRO B 61 20.62 21.86 19.17
CA PRO B 61 20.71 23.28 18.82
C PRO B 61 21.28 23.59 17.43
N TYR B 62 20.52 24.41 16.66
CA TYR B 62 20.79 24.56 15.25
C TYR B 62 22.16 25.19 14.93
N ASP B 63 22.54 26.25 15.67
CA ASP B 63 23.80 26.91 15.41
C ASP B 63 24.98 25.97 15.65
N LYS B 64 24.94 25.21 16.75
CA LYS B 64 25.98 24.24 17.08
C LYS B 64 26.13 23.18 15.97
N SER B 65 25.01 22.69 15.44
CA SER B 65 25.05 21.42 14.71
C SER B 65 24.80 21.57 13.19
N LYS B 66 24.67 22.81 12.70
CA LYS B 66 24.29 23.05 11.31
C LYS B 66 25.33 22.56 10.31
N ASP B 67 26.62 22.61 10.65
CA ASP B 67 27.54 22.13 9.61
C ASP B 67 27.56 20.60 9.57
N LYS B 68 27.16 19.96 10.65
CA LYS B 68 27.08 18.50 10.70
C LYS B 68 25.81 18.01 10.00
N TYR B 69 24.66 18.62 10.34
CA TYR B 69 23.40 18.01 9.92
C TYR B 69 22.78 18.75 8.74
N GLY B 70 23.32 19.93 8.42
CA GLY B 70 22.67 20.88 7.51
C GLY B 70 22.96 20.65 6.03
N LYS B 71 23.14 19.40 5.61
CA LYS B 71 23.52 19.13 4.25
C LYS B 71 22.32 18.56 3.50
N PRO B 72 22.10 18.95 2.22
CA PRO B 72 20.94 18.48 1.47
C PRO B 72 20.94 16.95 1.32
N ASN B 73 19.75 16.37 1.17
CA ASN B 73 19.66 14.94 0.91
C ASN B 73 18.43 14.68 0.02
N LYS B 74 18.09 13.41 -0.16
CA LYS B 74 17.02 13.07 -1.10
C LYS B 74 15.68 12.80 -0.40
N ARG B 75 15.54 13.19 0.89
CA ARG B 75 14.28 13.02 1.60
C ARG B 75 13.33 14.17 1.23
N LYS B 76 12.07 13.81 0.92
CA LYS B 76 11.02 14.78 0.59
C LYS B 76 10.88 15.81 1.72
N GLY B 77 11.01 17.09 1.37
CA GLY B 77 10.77 18.18 2.32
C GLY B 77 12.09 18.71 2.88
N PHE B 78 13.20 17.94 2.72
CA PHE B 78 14.42 18.30 3.46
C PHE B 78 15.04 19.59 2.95
N ASN B 79 15.26 19.69 1.64
CA ASN B 79 15.89 20.89 1.11
C ASN B 79 15.01 22.12 1.31
N GLU B 80 13.70 21.91 1.27
CA GLU B 80 12.78 23.04 1.52
C GLU B 80 12.90 23.44 3.00
N GLY B 81 13.02 22.44 3.89
CA GLY B 81 13.18 22.65 5.33
C GLY B 81 14.45 23.43 5.61
N LEU B 82 15.53 23.10 4.87
CA LEU B 82 16.77 23.86 5.00
C LEU B 82 16.56 25.33 4.61
N TRP B 83 15.81 25.56 3.53
CA TRP B 83 15.54 26.94 3.10
C TRP B 83 14.75 27.67 4.19
N GLU B 84 13.74 27.01 4.75
CA GLU B 84 12.85 27.61 5.72
C GLU B 84 13.61 28.04 6.99
N ILE B 85 14.47 27.14 7.51
CA ILE B 85 15.09 27.41 8.81
C ILE B 85 16.10 28.56 8.67
N GLN B 86 16.72 28.68 7.48
CA GLN B 86 17.69 29.71 7.16
C GLN B 86 16.99 31.03 6.79
N ASN B 87 15.83 31.00 6.12
CA ASN B 87 15.33 32.23 5.49
C ASN B 87 14.10 32.83 6.20
N ASN B 88 13.31 32.00 6.88
CA ASN B 88 12.09 32.47 7.51
C ASN B 88 11.65 31.48 8.58
N PRO B 89 12.51 31.25 9.60
CA PRO B 89 12.26 30.20 10.58
C PRO B 89 11.07 30.46 11.48
N HIS B 90 10.64 31.75 11.58
CA HIS B 90 9.58 32.04 12.54
C HIS B 90 8.24 32.39 11.87
N ALA B 91 8.13 32.04 10.59
CA ALA B 91 6.90 32.32 9.85
C ALA B 91 5.78 31.35 10.22
N SER B 92 4.55 31.73 9.83
CA SER B 92 3.40 30.86 9.85
C SER B 92 3.41 30.01 8.56
N TYR B 93 3.36 28.67 8.73
CA TYR B 93 3.43 27.66 7.69
C TYR B 93 2.14 26.83 7.71
N SER B 94 1.24 27.22 8.62
CA SER B 94 -0.07 26.61 8.82
C SER B 94 -0.99 26.90 7.61
N HIS C 4 -31.59 -22.65 1.52
CA HIS C 4 -31.06 -21.79 0.42
C HIS C 4 -31.14 -22.55 -0.90
N ALA C 5 -30.74 -21.88 -2.00
CA ALA C 5 -30.97 -22.35 -3.36
C ALA C 5 -29.64 -22.46 -4.11
N PHE C 6 -29.23 -23.69 -4.46
CA PHE C 6 -28.00 -23.88 -5.21
C PHE C 6 -28.25 -24.74 -6.45
N LYS C 7 -28.11 -24.16 -7.64
CA LYS C 7 -28.17 -24.92 -8.88
C LYS C 7 -26.76 -25.02 -9.46
N PRO C 8 -26.48 -25.97 -10.39
CA PRO C 8 -25.17 -26.07 -11.02
C PRO C 8 -24.80 -24.73 -11.65
N GLY C 9 -23.56 -24.27 -11.41
CA GLY C 9 -23.06 -23.03 -11.96
C GLY C 9 -23.12 -21.85 -10.99
N ASP C 10 -23.87 -21.98 -9.87
CA ASP C 10 -23.93 -20.97 -8.84
C ASP C 10 -22.57 -20.80 -8.15
N LEU C 11 -22.15 -19.54 -7.94
CA LEU C 11 -20.85 -19.24 -7.34
C LEU C 11 -20.96 -19.14 -5.82
N VAL C 12 -19.98 -19.74 -5.09
CA VAL C 12 -20.04 -19.77 -3.65
C VAL C 12 -18.62 -19.65 -3.07
N PHE C 13 -18.54 -19.42 -1.76
CA PHE C 13 -17.38 -19.85 -0.99
C PHE C 13 -17.74 -21.15 -0.27
N ALA C 14 -16.82 -22.13 -0.32
CA ALA C 14 -17.05 -23.49 0.14
C ALA C 14 -16.01 -23.82 1.21
N LYS C 15 -16.49 -24.31 2.35
CA LYS C 15 -15.60 -24.51 3.48
C LYS C 15 -15.45 -26.01 3.72
N MET C 16 -14.20 -26.49 3.67
CA MET C 16 -13.78 -27.85 3.99
C MET C 16 -12.87 -27.78 5.21
N LYS C 17 -12.94 -28.79 6.10
CA LYS C 17 -12.01 -28.85 7.21
C LYS C 17 -10.58 -28.87 6.65
N GLY C 18 -9.75 -28.00 7.23
CA GLY C 18 -8.34 -27.97 6.87
C GLY C 18 -8.00 -26.87 5.85
N TYR C 19 -9.01 -26.10 5.41
CA TYR C 19 -8.85 -25.15 4.31
C TYR C 19 -9.64 -23.89 4.63
N PRO C 20 -9.19 -22.72 4.19
CA PRO C 20 -10.01 -21.51 4.33
C PRO C 20 -11.23 -21.58 3.40
N HIS C 21 -12.22 -20.73 3.68
CA HIS C 21 -13.39 -20.60 2.81
C HIS C 21 -12.89 -20.35 1.39
N TRP C 22 -13.33 -21.18 0.43
CA TRP C 22 -12.61 -21.23 -0.83
C TRP C 22 -13.52 -20.84 -2.00
N PRO C 23 -13.06 -20.06 -3.00
CA PRO C 23 -13.92 -19.74 -4.15
C PRO C 23 -14.26 -20.99 -4.96
N ALA C 24 -15.56 -21.17 -5.23
CA ALA C 24 -16.02 -22.40 -5.85
C ALA C 24 -17.32 -22.16 -6.62
N ARG C 25 -17.75 -23.21 -7.35
CA ARG C 25 -19.12 -23.19 -7.86
C ARG C 25 -19.75 -24.57 -7.67
N ILE C 26 -21.07 -24.60 -7.78
CA ILE C 26 -21.81 -25.86 -7.84
C ILE C 26 -21.58 -26.54 -9.19
N ASP C 27 -21.36 -27.86 -9.16
CA ASP C 27 -21.30 -28.68 -10.36
C ASP C 27 -22.66 -29.33 -10.64
N LYS C 35 -23.86 -41.08 -7.23
CA LYS C 35 -24.70 -39.93 -6.79
C LYS C 35 -24.06 -39.31 -5.55
N PRO C 36 -24.37 -38.05 -5.20
CA PRO C 36 -23.82 -37.43 -3.99
C PRO C 36 -24.25 -38.21 -2.76
N PRO C 37 -23.50 -38.17 -1.64
CA PRO C 37 -24.05 -38.63 -0.37
C PRO C 37 -25.31 -37.81 -0.11
N PRO C 38 -26.27 -38.35 0.70
CA PRO C 38 -27.52 -37.64 1.01
C PRO C 38 -27.21 -36.20 1.41
N ASN C 39 -27.91 -35.27 0.74
CA ASN C 39 -27.94 -33.86 1.05
C ASN C 39 -26.56 -33.23 0.81
N LYS C 40 -25.79 -33.74 -0.16
CA LYS C 40 -24.53 -33.08 -0.51
C LYS C 40 -24.53 -32.56 -1.95
N TYR C 41 -23.84 -31.43 -2.17
CA TYR C 41 -23.68 -30.88 -3.50
C TYR C 41 -22.28 -31.18 -4.03
N PRO C 42 -22.14 -31.38 -5.36
CA PRO C 42 -20.85 -31.47 -6.02
C PRO C 42 -20.32 -30.05 -6.18
N ILE C 43 -19.10 -29.85 -5.67
CA ILE C 43 -18.47 -28.53 -5.70
C ILE C 43 -17.23 -28.60 -6.59
N PHE C 44 -17.02 -27.57 -7.43
CA PHE C 44 -15.76 -27.42 -8.13
C PHE C 44 -15.04 -26.23 -7.48
N PHE C 45 -13.80 -26.44 -7.05
CA PHE C 45 -12.99 -25.39 -6.46
C PHE C 45 -12.23 -24.63 -7.54
N PHE C 46 -12.37 -23.29 -7.52
CA PHE C 46 -11.55 -22.48 -8.41
C PHE C 46 -10.07 -22.55 -8.00
N GLY C 47 -9.18 -22.34 -8.98
CA GLY C 47 -7.75 -22.28 -8.72
C GLY C 47 -7.10 -23.67 -8.70
N THR C 48 -7.54 -24.52 -7.76
CA THR C 48 -7.06 -25.92 -7.70
C THR C 48 -7.78 -26.76 -8.76
N HIS C 49 -9.01 -26.39 -9.14
CA HIS C 49 -9.82 -27.14 -10.11
C HIS C 49 -10.14 -28.55 -9.63
N GLU C 50 -10.17 -28.76 -8.32
CA GLU C 50 -10.56 -30.05 -7.76
C GLU C 50 -12.05 -30.07 -7.42
N THR C 51 -12.58 -31.26 -7.12
CA THR C 51 -14.00 -31.40 -6.78
C THR C 51 -14.17 -32.10 -5.43
N ALA C 52 -15.32 -31.87 -4.80
CA ALA C 52 -15.66 -32.53 -3.55
C ALA C 52 -17.17 -32.46 -3.37
N PHE C 53 -17.72 -33.24 -2.45
CA PHE C 53 -19.13 -33.10 -2.07
C PHE C 53 -19.20 -32.35 -0.75
N LEU C 54 -20.09 -31.35 -0.66
CA LEU C 54 -20.23 -30.63 0.59
C LEU C 54 -21.72 -30.38 0.86
N GLY C 55 -22.06 -30.26 2.14
CA GLY C 55 -23.41 -29.93 2.55
C GLY C 55 -23.67 -28.43 2.51
N PRO C 56 -24.96 -28.03 2.51
CA PRO C 56 -25.31 -26.64 2.30
C PRO C 56 -24.80 -25.74 3.44
N LYS C 57 -24.52 -26.34 4.59
CA LYS C 57 -24.02 -25.61 5.74
C LYS C 57 -22.64 -25.04 5.42
N ASP C 58 -21.95 -25.68 4.46
CA ASP C 58 -20.55 -25.39 4.19
C ASP C 58 -20.40 -24.44 3.02
N LEU C 59 -21.52 -23.89 2.57
CA LEU C 59 -21.59 -23.12 1.33
C LEU C 59 -22.19 -21.74 1.59
N PHE C 60 -21.58 -20.71 0.97
CA PHE C 60 -21.96 -19.31 1.15
C PHE C 60 -22.08 -18.63 -0.21
N PRO C 61 -23.23 -18.01 -0.59
CA PRO C 61 -23.34 -17.43 -1.94
C PRO C 61 -22.24 -16.39 -2.13
N TYR C 62 -21.63 -16.40 -3.32
CA TYR C 62 -20.47 -15.57 -3.63
C TYR C 62 -20.77 -14.09 -3.40
N ASP C 63 -21.90 -13.61 -3.95
CA ASP C 63 -22.16 -12.18 -3.90
C ASP C 63 -22.38 -11.71 -2.47
N LYS C 64 -23.08 -12.50 -1.67
CA LYS C 64 -23.42 -12.17 -0.29
C LYS C 64 -22.20 -12.20 0.62
N SER C 65 -21.18 -13.03 0.30
CA SER C 65 -20.18 -13.32 1.33
C SER C 65 -18.76 -12.88 0.89
N LYS C 66 -18.64 -12.40 -0.36
CA LYS C 66 -17.31 -12.08 -0.86
C LYS C 66 -16.63 -10.99 -0.04
N ASP C 67 -17.39 -10.08 0.58
CA ASP C 67 -16.76 -9.01 1.36
C ASP C 67 -16.00 -9.63 2.54
N LYS C 68 -16.48 -10.77 3.03
CA LYS C 68 -15.85 -11.47 4.15
C LYS C 68 -14.76 -12.45 3.71
N TYR C 69 -15.03 -13.29 2.69
CA TYR C 69 -14.11 -14.38 2.41
C TYR C 69 -13.26 -14.10 1.16
N GLY C 70 -13.64 -13.08 0.37
CA GLY C 70 -12.94 -12.84 -0.88
C GLY C 70 -11.75 -11.91 -0.61
N LYS C 71 -10.73 -12.49 -0.02
CA LYS C 71 -9.52 -11.74 0.30
C LYS C 71 -8.40 -12.72 0.08
N PRO C 72 -7.21 -12.26 -0.33
CA PRO C 72 -6.13 -13.19 -0.66
C PRO C 72 -5.66 -14.03 0.52
N ASN C 73 -5.10 -15.17 0.18
CA ASN C 73 -4.29 -15.84 1.17
C ASN C 73 -3.29 -16.71 0.43
N LYS C 74 -2.33 -17.27 1.18
CA LYS C 74 -1.18 -17.83 0.48
C LYS C 74 -1.36 -19.30 0.19
N ARG C 75 -2.55 -19.87 0.46
CA ARG C 75 -2.71 -21.30 0.20
C ARG C 75 -2.63 -21.55 -1.30
N LYS C 76 -2.03 -22.69 -1.64
CA LYS C 76 -1.83 -23.14 -3.01
C LYS C 76 -3.11 -23.00 -3.82
N GLY C 77 -3.04 -22.13 -4.85
CA GLY C 77 -4.15 -22.08 -5.79
C GLY C 77 -5.21 -21.02 -5.43
N PHE C 78 -5.13 -20.46 -4.22
CA PHE C 78 -6.25 -19.69 -3.73
C PHE C 78 -6.42 -18.42 -4.58
N ASN C 79 -5.32 -17.70 -4.78
CA ASN C 79 -5.46 -16.37 -5.37
C ASN C 79 -5.85 -16.48 -6.83
N GLU C 80 -5.32 -17.50 -7.52
CA GLU C 80 -5.75 -17.80 -8.88
C GLU C 80 -7.24 -18.13 -8.89
N GLY C 81 -7.72 -18.83 -7.84
CA GLY C 81 -9.15 -19.12 -7.72
C GLY C 81 -9.98 -17.84 -7.54
N LEU C 82 -9.44 -16.88 -6.78
CA LEU C 82 -10.14 -15.62 -6.63
C LEU C 82 -10.25 -14.91 -7.98
N TRP C 83 -9.20 -15.00 -8.80
CA TRP C 83 -9.24 -14.37 -10.12
C TRP C 83 -10.28 -15.05 -11.01
N GLU C 84 -10.32 -16.40 -10.97
CA GLU C 84 -11.30 -17.11 -11.79
C GLU C 84 -12.74 -16.80 -11.43
N ILE C 85 -13.07 -16.76 -10.12
CA ILE C 85 -14.44 -16.57 -9.68
C ILE C 85 -15.00 -15.21 -10.10
N GLN C 86 -14.15 -14.18 -10.08
CA GLN C 86 -14.54 -12.82 -10.43
C GLN C 86 -14.48 -12.60 -11.95
N ASN C 87 -13.55 -13.25 -12.64
CA ASN C 87 -13.18 -12.87 -14.01
C ASN C 87 -13.49 -13.95 -15.06
N ASN C 88 -13.70 -15.22 -14.68
CA ASN C 88 -13.92 -16.26 -15.69
C ASN C 88 -14.60 -17.46 -15.03
N PRO C 89 -15.75 -17.25 -14.36
CA PRO C 89 -16.32 -18.25 -13.45
C PRO C 89 -16.96 -19.47 -14.11
N HIS C 90 -17.07 -19.44 -15.45
CA HIS C 90 -17.75 -20.52 -16.17
C HIS C 90 -16.90 -21.13 -17.28
N ALA C 91 -15.60 -20.80 -17.34
CA ALA C 91 -14.67 -21.54 -18.19
C ALA C 91 -14.61 -23.01 -17.74
N SER C 92 -13.88 -23.85 -18.50
CA SER C 92 -13.93 -25.30 -18.37
C SER C 92 -12.93 -25.82 -17.34
N TYR C 93 -11.67 -25.38 -17.46
CA TYR C 93 -10.56 -25.84 -16.64
C TYR C 93 -10.48 -27.38 -16.65
S SO4 D . 9.15 -17.00 -8.64
O1 SO4 D . 9.97 -16.84 -7.47
O2 SO4 D . 8.54 -15.74 -8.97
O3 SO4 D . 9.93 -17.47 -9.76
O4 SO4 D . 8.11 -17.96 -8.37
S SO4 E . 11.87 -9.87 -20.74
O1 SO4 E . 12.64 -8.86 -20.07
O2 SO4 E . 10.85 -9.26 -21.55
O3 SO4 E . 12.74 -10.66 -21.58
O4 SO4 E . 11.24 -10.73 -19.76
C1 EDO F . 1.79 0.62 0.43
O1 EDO F . 0.65 1.19 1.11
C2 EDO F . 2.85 1.60 0.03
O2 EDO F . 2.42 2.49 -0.98
S SO4 G . 0.12 -15.46 -5.73
O1 SO4 G . -0.07 -14.17 -5.18
O2 SO4 G . 1.38 -16.00 -5.24
O3 SO4 G . -0.98 -16.32 -5.35
O4 SO4 G . 0.20 -15.39 -7.18
S SO4 H . 12.25 19.20 -1.31
O1 SO4 H . 12.21 19.82 0.01
O2 SO4 H . 13.59 19.01 -1.73
O3 SO4 H . 11.64 17.86 -1.36
O4 SO4 H . 11.54 20.09 -2.20
S SO4 I . 17.80 5.60 12.07
O1 SO4 I . 16.72 5.75 12.99
O2 SO4 I . 18.86 4.86 12.71
O3 SO4 I . 17.33 4.90 10.90
O4 SO4 I . 18.31 6.90 11.67
C4 NX7 J . 6.36 12.57 9.20
C5 NX7 J . 6.90 13.62 9.92
C6 NX7 J . 8.05 14.41 9.39
C7 NX7 J . 10.48 14.83 9.40
C8 NX7 J . 11.63 14.16 10.19
C10 NX7 J . 9.64 12.97 10.69
N NX7 J . 9.29 14.07 9.80
C NX7 J . 6.38 13.81 11.18
O NX7 J . 7.85 15.31 8.60
C1 NX7 J . 5.38 13.04 11.72
C2 NX7 J . 4.85 12.01 10.95
C3 NX7 J . 5.34 11.77 9.66
C9 NX7 J . 10.98 13.44 11.29
F NX7 J . 6.93 14.80 11.93
F1 NX7 J . 6.86 12.33 7.96
S SO4 K . -11.98 -25.31 11.22
O1 SO4 K . -12.67 -24.42 12.12
O2 SO4 K . -11.11 -24.55 10.37
O3 SO4 K . -11.19 -26.25 11.98
O4 SO4 K . -12.95 -26.02 10.43
C4 NX7 L . -10.32 -30.77 -3.04
C5 NX7 L . -9.21 -30.01 -2.68
C6 NX7 L . -9.27 -28.52 -2.85
C7 NX7 L . -9.89 -28.38 -0.47
C8 NX7 L . -11.02 -27.52 0.01
C10 NX7 L . -9.69 -26.34 -1.75
N NX7 L . -9.57 -27.81 -1.77
C NX7 L . -8.19 -30.71 -2.03
O NX7 L . -9.13 -27.98 -3.94
C1 NX7 L . -8.26 -32.06 -1.74
C2 NX7 L . -9.40 -32.76 -2.12
C3 NX7 L . -10.43 -32.12 -2.78
C9 NX7 L . -10.64 -26.09 -0.56
F NX7 L . -7.06 -30.04 -1.70
F1 NX7 L . -11.34 -30.14 -3.65
#